data_4WTS
#
_entry.id   4WTS
#
_cell.length_a   46.752
_cell.length_b   52.398
_cell.length_c   100.405
_cell.angle_alpha   90.00
_cell.angle_beta   90.00
_cell.angle_gamma   90.00
#
_symmetry.space_group_name_H-M   'P 21 21 21'
#
loop_
_entity.id
_entity.type
_entity.pdbx_description
1 polymer beta-1,3-glucanosyltransferase
2 branched beta-D-glucopyranose-(1-3)-beta-D-glucopyranose-(1-3)-beta-D-glucopyranose
3 water water
#
_entity_poly.entity_id   1
_entity_poly.type   'polypeptide(L)'
_entity_poly.pdbx_seq_one_letter_code
;MGSSHHHHHHSSGLVPRGSHMASMTGGQQMGRGSQTFYGINYGVNENSCPTVDSMKNDFNVLKPYTNRVRTFALSVCNQA
SLALAATQALGMRIYLGMWIDRPDTFDNEMNALKNILANNDVSNVDGLIVGSEVLYRGDTDPQSLANYIKQVKELVAPHG
IKVATADVYYKFPEVVVKELDFLMMNAFPYWEGVTIDNAADTLMSHYDQVVGASLGKPVKISATGWPSAGGNFQSSVASV
ENENKYLHDVLCRVKQRNIDLLYFSAFDEPYRGGVEAHFGVLGSDRNTKPGITIEAGC
;
_entity_poly.pdbx_strand_id   A
#
# COMPACT_ATOMS: atom_id res chain seq x y z
N GLY A 33 12.97 0.79 -17.42
CA GLY A 33 11.89 0.04 -16.73
C GLY A 33 11.64 0.50 -15.31
N SER A 34 12.35 1.55 -14.89
CA SER A 34 12.21 2.12 -13.54
C SER A 34 10.87 2.82 -13.33
N GLN A 35 10.08 2.90 -14.39
CA GLN A 35 8.76 3.53 -14.33
C GLN A 35 7.63 2.51 -14.58
N THR A 36 7.96 1.23 -14.50
CA THR A 36 6.96 0.15 -14.64
C THR A 36 5.95 0.22 -13.49
N PHE A 37 6.44 0.28 -12.26
CA PHE A 37 5.60 0.48 -11.08
C PHE A 37 5.67 1.93 -10.63
N TYR A 38 4.52 2.56 -10.39
CA TYR A 38 4.50 3.85 -9.72
C TYR A 38 5.07 3.71 -8.30
N GLY A 39 4.75 2.58 -7.63
CA GLY A 39 5.29 2.24 -6.32
C GLY A 39 4.96 0.81 -5.91
N ILE A 40 5.67 0.28 -4.91
CA ILE A 40 5.42 -1.07 -4.40
C ILE A 40 5.30 -1.12 -2.87
N ASN A 41 4.33 -1.89 -2.38
CA ASN A 41 4.14 -2.15 -0.95
C ASN A 41 5.26 -3.02 -0.38
N TYR A 42 5.79 -2.63 0.78
CA TYR A 42 6.94 -3.32 1.40
C TYR A 42 6.61 -3.83 2.80
N GLY A 43 6.51 -5.16 2.94
CA GLY A 43 6.16 -5.79 4.20
C GLY A 43 7.32 -5.98 5.16
N VAL A 44 7.03 -5.87 6.45
CA VAL A 44 8.02 -6.01 7.52
C VAL A 44 7.55 -7.07 8.52
N ASN A 45 8.46 -7.98 8.89
CA ASN A 45 8.20 -9.01 9.90
C ASN A 45 8.37 -8.46 11.33
N GLU A 46 7.27 -8.34 12.06
CA GLU A 46 7.27 -7.76 13.41
C GLU A 46 7.95 -8.63 14.46
N ASN A 47 8.13 -9.92 14.15
CA ASN A 47 8.81 -10.84 15.06
C ASN A 47 10.31 -11.00 14.75
N SER A 48 10.76 -10.34 13.69
CA SER A 48 12.18 -10.38 13.28
C SER A 48 12.53 -9.15 12.43
N CYS A 49 12.80 -8.03 13.11
CA CYS A 49 12.99 -6.73 12.46
C CYS A 49 14.21 -6.67 11.53
N PRO A 50 14.15 -5.82 10.48
CA PRO A 50 15.34 -5.58 9.66
C PRO A 50 16.17 -4.39 10.17
N THR A 51 17.32 -4.19 9.56
CA THR A 51 18.19 -3.05 9.86
C THR A 51 18.22 -2.09 8.66
N VAL A 52 18.91 -0.96 8.82
CA VAL A 52 19.09 0.03 7.75
C VAL A 52 19.77 -0.60 6.52
N ASP A 53 20.87 -1.32 6.76
CA ASP A 53 21.62 -2.00 5.70
C ASP A 53 20.82 -3.12 5.05
N SER A 54 19.93 -3.73 5.84
CA SER A 54 19.05 -4.78 5.34
C SER A 54 18.00 -4.22 4.37
N MET A 55 17.37 -3.10 4.74
CA MET A 55 16.39 -2.41 3.90
C MET A 55 17.00 -1.88 2.61
N LYS A 56 18.24 -1.39 2.69
CA LYS A 56 18.95 -0.85 1.52
C LYS A 56 19.19 -1.90 0.45
N ASN A 57 19.61 -3.09 0.88
CA ASN A 57 19.77 -4.24 -0.01
C ASN A 57 18.44 -4.62 -0.67
N ASP A 58 17.37 -4.65 0.13
CA ASP A 58 16.02 -4.93 -0.35
C ASP A 58 15.55 -3.91 -1.40
N PHE A 59 15.78 -2.63 -1.14
CA PHE A 59 15.32 -1.58 -2.05
C PHE A 59 16.12 -1.52 -3.35
N ASN A 60 17.36 -2.02 -3.32
CA ASN A 60 18.21 -2.09 -4.51
C ASN A 60 17.73 -3.13 -5.53
N VAL A 61 17.15 -4.21 -5.03
CA VAL A 61 16.51 -5.22 -5.88
C VAL A 61 15.36 -4.59 -6.67
N LEU A 62 14.63 -3.67 -6.04
CA LEU A 62 13.44 -3.06 -6.63
C LEU A 62 13.75 -1.85 -7.53
N LYS A 63 14.96 -1.30 -7.39
CA LYS A 63 15.33 -0.05 -8.06
C LYS A 63 15.26 -0.05 -9.60
N PRO A 64 15.59 -1.18 -10.26
CA PRO A 64 15.38 -1.22 -11.71
C PRO A 64 13.90 -1.16 -12.14
N TYR A 65 12.97 -1.48 -11.24
CA TYR A 65 11.54 -1.49 -11.57
C TYR A 65 10.74 -0.31 -10.99
N THR A 66 11.24 0.31 -9.92
CA THR A 66 10.50 1.39 -9.23
C THR A 66 11.38 2.40 -8.49
N ASN A 67 10.83 3.57 -8.18
CA ASN A 67 11.50 4.59 -7.37
C ASN A 67 10.74 4.94 -6.07
N ARG A 68 9.68 4.19 -5.77
CA ARG A 68 8.82 4.45 -4.60
C ARG A 68 8.44 3.18 -3.83
N VAL A 69 8.41 3.28 -2.50
CA VAL A 69 7.94 2.20 -1.62
C VAL A 69 6.90 2.71 -0.61
N ARG A 70 6.20 1.77 0.03
CA ARG A 70 5.22 2.11 1.07
C ARG A 70 5.34 1.18 2.27
N THR A 71 5.38 1.77 3.47
CA THR A 71 5.43 1.04 4.73
C THR A 71 4.10 1.14 5.49
N PHE A 72 3.81 0.18 6.37
CA PHE A 72 2.49 0.05 6.98
C PHE A 72 2.34 0.58 8.42
N ALA A 73 3.45 0.79 9.11
CA ALA A 73 3.43 1.34 10.48
C ALA A 73 4.62 2.26 10.75
N LEU A 74 4.50 3.07 11.81
CA LEU A 74 5.58 3.97 12.21
C LEU A 74 6.49 3.37 13.30
N SER A 75 5.91 3.00 14.43
CA SER A 75 6.72 2.55 15.59
C SER A 75 7.12 1.07 15.57
N VAL A 76 6.34 0.22 14.91
CA VAL A 76 6.66 -1.21 14.86
C VAL A 76 7.98 -1.44 14.13
N CYS A 77 8.93 -2.08 14.83
CA CYS A 77 10.31 -2.32 14.34
C CYS A 77 11.10 -1.03 14.04
N ASN A 78 10.58 0.12 14.48
CA ASN A 78 11.14 1.42 14.14
C ASN A 78 11.30 1.60 12.62
N GLN A 79 10.36 1.00 11.87
CA GLN A 79 10.49 0.83 10.42
C GLN A 79 10.46 2.13 9.62
N ALA A 80 9.70 3.12 10.08
CA ALA A 80 9.60 4.40 9.39
C ALA A 80 10.92 5.16 9.40
N SER A 81 11.53 5.25 10.57
CA SER A 81 12.83 5.90 10.75
C SER A 81 13.93 5.26 9.90
N LEU A 82 13.94 3.92 9.86
CA LEU A 82 14.92 3.16 9.09
C LEU A 82 14.67 3.20 7.58
N ALA A 83 13.40 3.24 7.19
CA ALA A 83 13.03 3.30 5.76
C ALA A 83 13.25 4.69 5.19
N LEU A 84 13.11 5.72 6.02
CA LEU A 84 13.46 7.09 5.63
C LEU A 84 14.95 7.20 5.33
N ALA A 85 15.78 6.60 6.19
CA ALA A 85 17.24 6.63 5.99
C ALA A 85 17.65 5.82 4.75
N ALA A 86 17.04 4.64 4.58
CA ALA A 86 17.36 3.76 3.45
C ALA A 86 16.97 4.34 2.08
N THR A 87 15.78 4.91 1.98
CA THR A 87 15.31 5.50 0.70
C THR A 87 16.07 6.78 0.33
N GLN A 88 16.37 7.60 1.33
CA GLN A 88 17.09 8.87 1.10
C GLN A 88 18.52 8.66 0.59
N ALA A 89 19.18 7.61 1.07
CA ALA A 89 20.52 7.27 0.60
C ALA A 89 20.53 6.76 -0.85
N LEU A 90 19.41 6.24 -1.31
CA LEU A 90 19.31 5.66 -2.65
C LEU A 90 18.56 6.56 -3.64
N GLY A 91 18.12 7.73 -3.17
CA GLY A 91 17.41 8.68 -4.03
C GLY A 91 16.00 8.26 -4.40
N MET A 92 15.38 7.43 -3.56
CA MET A 92 14.01 6.95 -3.77
C MET A 92 13.02 7.74 -2.88
N ARG A 93 11.72 7.58 -3.14
CA ARG A 93 10.68 8.27 -2.37
C ARG A 93 9.76 7.27 -1.62
N ILE A 94 8.91 7.77 -0.72
CA ILE A 94 8.14 6.91 0.19
C ILE A 94 6.75 7.43 0.60
N TYR A 95 5.80 6.51 0.73
CA TYR A 95 4.54 6.76 1.45
C TYR A 95 4.65 6.15 2.85
N LEU A 96 4.36 6.95 3.88
CA LEU A 96 4.38 6.48 5.27
C LEU A 96 2.99 6.12 5.79
N GLY A 97 2.84 4.88 6.24
CA GLY A 97 1.56 4.42 6.81
C GLY A 97 1.55 4.45 8.33
N MET A 98 0.39 4.82 8.89
CA MET A 98 0.14 4.75 10.32
C MET A 98 -0.77 3.56 10.60
N TRP A 99 -0.35 2.64 11.45
CA TRP A 99 -1.17 1.48 11.79
C TRP A 99 -2.00 1.69 13.02
N ILE A 100 -3.28 1.97 12.82
CA ILE A 100 -4.21 2.14 13.95
C ILE A 100 -5.25 1.01 14.03
N ASP A 101 -5.37 0.45 15.24
CA ASP A 101 -6.15 -0.75 15.48
C ASP A 101 -6.88 -0.62 16.81
N ARG A 102 -6.28 -1.16 17.87
CA ARG A 102 -6.79 -1.06 19.24
C ARG A 102 -6.56 0.36 19.79
N PRO A 103 -7.33 0.75 20.85
CA PRO A 103 -7.25 2.07 21.50
C PRO A 103 -5.83 2.63 21.71
N ASP A 104 -4.88 1.75 22.02
CA ASP A 104 -3.48 2.11 22.27
C ASP A 104 -2.78 2.73 21.06
N THR A 105 -3.11 2.21 19.88
CA THR A 105 -2.41 2.56 18.64
C THR A 105 -2.61 4.03 18.21
N PHE A 106 -3.66 4.67 18.70
CA PHE A 106 -3.90 6.09 18.43
C PHE A 106 -2.82 6.97 19.09
N ASP A 107 -2.60 6.76 20.38
CA ASP A 107 -1.58 7.49 21.14
C ASP A 107 -0.16 7.08 20.76
N ASN A 108 0.07 5.77 20.66
CA ASN A 108 1.38 5.21 20.29
C ASN A 108 1.95 5.72 18.96
N GLU A 109 1.08 5.80 17.94
CA GLU A 109 1.50 6.22 16.61
C GLU A 109 1.67 7.73 16.47
N MET A 110 0.84 8.49 17.18
CA MET A 110 0.91 9.95 17.17
C MET A 110 2.23 10.44 17.78
N ASN A 111 2.66 9.78 18.86
CA ASN A 111 3.93 10.07 19.53
C ASN A 111 5.13 9.69 18.67
N ALA A 112 5.00 8.60 17.91
CA ALA A 112 6.02 8.20 16.95
C ALA A 112 6.11 9.17 15.77
N LEU A 113 4.97 9.71 15.35
CA LEU A 113 4.94 10.74 14.30
C LEU A 113 5.67 12.00 14.76
N LYS A 114 5.39 12.43 16.00
CA LYS A 114 6.08 13.57 16.61
C LYS A 114 7.59 13.40 16.62
N ASN A 115 8.04 12.19 16.95
CA ASN A 115 9.48 11.89 17.01
C ASN A 115 10.15 11.92 15.63
N ILE A 116 9.44 11.43 14.61
CA ILE A 116 9.93 11.47 13.22
C ILE A 116 10.17 12.91 12.76
N LEU A 117 9.19 13.78 13.00
CA LEU A 117 9.29 15.18 12.60
C LEU A 117 10.46 15.91 13.29
N ALA A 118 10.80 15.50 14.50
CA ALA A 118 11.91 16.10 15.24
C ALA A 118 13.27 15.50 14.90
N ASN A 119 13.29 14.25 14.43
CA ASN A 119 14.55 13.53 14.21
C ASN A 119 14.91 13.18 12.76
N ASN A 120 13.99 13.44 11.82
CA ASN A 120 14.19 13.02 10.43
C ASN A 120 13.91 14.09 9.39
N ASP A 121 14.70 14.05 8.31
CA ASP A 121 14.38 14.72 7.05
C ASP A 121 13.16 14.02 6.46
N VAL A 122 12.13 14.78 6.11
CA VAL A 122 10.89 14.22 5.57
C VAL A 122 10.54 14.74 4.18
N SER A 123 11.54 15.29 3.49
CA SER A 123 11.31 15.95 2.19
C SER A 123 10.96 15.00 1.04
N ASN A 124 11.24 13.71 1.23
CA ASN A 124 10.94 12.71 0.20
C ASN A 124 9.63 11.92 0.43
N VAL A 125 8.81 12.42 1.35
CA VAL A 125 7.54 11.76 1.70
C VAL A 125 6.42 12.26 0.80
N ASP A 126 5.85 11.36 0.01
CA ASP A 126 4.76 11.68 -0.92
C ASP A 126 3.37 11.71 -0.25
N GLY A 127 3.28 11.26 1.01
CA GLY A 127 2.01 11.26 1.74
C GLY A 127 2.03 10.44 3.02
N LEU A 128 1.05 10.71 3.88
CA LEU A 128 0.86 9.97 5.13
C LEU A 128 -0.52 9.29 5.14
N ILE A 129 -0.52 7.96 5.31
CA ILE A 129 -1.76 7.17 5.24
C ILE A 129 -2.23 6.76 6.64
N VAL A 130 -3.24 7.47 7.13
CA VAL A 130 -3.74 7.32 8.49
C VAL A 130 -4.72 6.14 8.58
N GLY A 131 -4.19 4.98 8.93
CA GLY A 131 -5.00 3.77 9.03
C GLY A 131 -5.18 3.03 7.73
N SER A 132 -5.29 1.70 7.85
CA SER A 132 -5.57 0.82 6.72
C SER A 132 -6.70 -0.14 7.11
N GLU A 133 -7.84 0.00 6.42
CA GLU A 133 -9.05 -0.81 6.66
C GLU A 133 -9.62 -0.71 8.09
N VAL A 134 -9.55 0.50 8.65
CA VAL A 134 -10.08 0.82 9.98
C VAL A 134 -11.61 0.60 10.06
N LEU A 135 -12.33 1.10 9.05
CA LEU A 135 -13.79 0.98 9.03
C LEU A 135 -14.28 -0.41 8.61
N TYR A 136 -13.54 -1.08 7.73
CA TYR A 136 -13.86 -2.45 7.36
C TYR A 136 -13.85 -3.39 8.57
N ARG A 137 -12.85 -3.24 9.43
CA ARG A 137 -12.68 -4.12 10.61
C ARG A 137 -13.63 -3.76 11.74
N GLY A 138 -14.07 -2.50 11.78
CA GLY A 138 -14.93 -2.01 12.86
C GLY A 138 -14.14 -1.67 14.11
N ASP A 139 -12.95 -1.09 13.94
CA ASP A 139 -12.07 -0.74 15.05
C ASP A 139 -12.52 0.52 15.78
N THR A 140 -13.08 1.46 15.03
CA THR A 140 -13.66 2.69 15.60
C THR A 140 -14.80 3.19 14.70
N ASP A 141 -15.52 4.21 15.18
CA ASP A 141 -16.62 4.79 14.40
C ASP A 141 -16.14 5.95 13.50
N PRO A 142 -16.89 6.25 12.41
CA PRO A 142 -16.49 7.25 11.40
C PRO A 142 -16.10 8.63 11.95
N GLN A 143 -16.82 9.11 12.97
CA GLN A 143 -16.56 10.42 13.58
C GLN A 143 -15.23 10.46 14.32
N SER A 144 -14.92 9.39 15.06
CA SER A 144 -13.66 9.29 15.82
C SER A 144 -12.45 9.26 14.88
N LEU A 145 -12.57 8.52 13.78
CA LEU A 145 -11.53 8.48 12.75
C LEU A 145 -11.35 9.87 12.11
N ALA A 146 -12.46 10.53 11.79
CA ALA A 146 -12.46 11.88 11.24
C ALA A 146 -11.73 12.88 12.14
N ASN A 147 -11.98 12.81 13.45
CA ASN A 147 -11.31 13.66 14.41
C ASN A 147 -9.80 13.41 14.52
N TYR A 148 -9.41 12.14 14.49
CA TYR A 148 -7.99 11.75 14.60
C TYR A 148 -7.20 12.22 13.38
N ILE A 149 -7.81 12.09 12.20
CA ILE A 149 -7.23 12.57 10.94
C ILE A 149 -6.98 14.08 10.98
N LYS A 150 -7.90 14.82 11.60
CA LYS A 150 -7.76 16.27 11.73
C LYS A 150 -6.54 16.67 12.56
N GLN A 151 -6.31 15.94 13.66
CA GLN A 151 -5.15 16.16 14.52
C GLN A 151 -3.84 15.91 13.77
N VAL A 152 -3.82 14.84 12.97
CA VAL A 152 -2.65 14.49 12.16
C VAL A 152 -2.36 15.60 11.14
N LYS A 153 -3.40 16.06 10.45
CA LYS A 153 -3.25 17.09 9.42
C LYS A 153 -2.70 18.40 9.98
N GLU A 154 -3.23 18.82 11.13
CA GLU A 154 -2.75 20.02 11.82
C GLU A 154 -1.24 19.95 12.12
N LEU A 155 -0.74 18.75 12.34
CA LEU A 155 0.67 18.53 12.67
C LEU A 155 1.58 18.51 11.43
N VAL A 156 1.18 17.78 10.38
CA VAL A 156 2.06 17.57 9.21
C VAL A 156 1.94 18.61 8.09
N ALA A 157 0.85 19.38 8.08
CA ALA A 157 0.61 20.38 7.03
C ALA A 157 1.71 21.46 6.92
N PRO A 158 2.21 21.98 8.06
CA PRO A 158 3.34 22.92 8.00
C PRO A 158 4.61 22.33 7.35
N HIS A 159 4.76 21.01 7.40
CA HIS A 159 5.87 20.34 6.72
C HIS A 159 5.55 19.99 5.29
N GLY A 160 4.36 20.41 4.84
CA GLY A 160 3.94 20.22 3.44
C GLY A 160 3.56 18.80 3.08
N ILE A 161 3.19 18.00 4.07
CA ILE A 161 2.80 16.60 3.84
C ILE A 161 1.28 16.44 3.71
N LYS A 162 0.84 15.73 2.68
CA LYS A 162 -0.58 15.48 2.41
C LYS A 162 -1.10 14.22 3.14
N VAL A 163 -2.36 14.26 3.57
CA VAL A 163 -2.94 13.14 4.34
C VAL A 163 -4.05 12.39 3.60
N ALA A 164 -4.14 11.09 3.89
CA ALA A 164 -5.15 10.21 3.29
C ALA A 164 -5.53 9.15 4.31
N THR A 165 -6.51 8.31 3.94
CA THR A 165 -6.75 7.03 4.62
C THR A 165 -6.95 5.93 3.57
N ALA A 166 -6.81 4.67 3.97
CA ALA A 166 -6.98 3.54 3.05
C ALA A 166 -8.02 2.55 3.54
N ASP A 167 -8.95 2.17 2.65
CA ASP A 167 -10.03 1.25 3.00
C ASP A 167 -10.67 0.65 1.75
N VAL A 168 -11.62 -0.26 1.96
CA VAL A 168 -12.36 -0.93 0.88
C VAL A 168 -13.30 0.05 0.16
N TYR A 169 -13.70 -0.31 -1.07
CA TYR A 169 -14.43 0.60 -1.97
C TYR A 169 -15.73 1.17 -1.42
N TYR A 170 -16.37 0.43 -0.51
CA TYR A 170 -17.66 0.86 0.06
C TYR A 170 -17.57 1.50 1.45
N LYS A 171 -16.35 1.83 1.89
CA LYS A 171 -16.15 2.45 3.21
C LYS A 171 -15.50 3.83 3.18
N PHE A 172 -16.15 4.78 2.49
CA PHE A 172 -15.70 6.17 2.47
C PHE A 172 -16.83 7.15 2.77
N PRO A 173 -17.31 7.19 4.04
CA PRO A 173 -18.41 8.07 4.41
C PRO A 173 -17.99 9.55 4.38
N GLU A 174 -18.97 10.42 4.12
CA GLU A 174 -18.72 11.85 3.89
C GLU A 174 -17.94 12.54 5.01
N VAL A 175 -18.25 12.19 6.26
CA VAL A 175 -17.60 12.79 7.42
C VAL A 175 -16.07 12.58 7.41
N VAL A 176 -15.63 11.40 6.96
CA VAL A 176 -14.20 11.09 6.85
C VAL A 176 -13.56 11.83 5.68
N VAL A 177 -14.18 11.72 4.50
CA VAL A 177 -13.65 12.29 3.25
C VAL A 177 -13.44 13.80 3.33
N LYS A 178 -14.26 14.48 4.13
CA LYS A 178 -14.19 15.93 4.34
C LYS A 178 -12.84 16.38 4.91
N GLU A 179 -12.17 15.50 5.65
CA GLU A 179 -10.90 15.81 6.32
C GLU A 179 -9.66 15.43 5.50
N LEU A 180 -9.87 14.78 4.35
CA LEU A 180 -8.76 14.24 3.56
C LEU A 180 -8.23 15.20 2.50
N ASP A 181 -6.99 14.99 2.09
CA ASP A 181 -6.43 15.64 0.90
C ASP A 181 -6.66 14.75 -0.33
N PHE A 182 -6.50 13.43 -0.15
CA PHE A 182 -6.76 12.44 -1.20
C PHE A 182 -7.22 11.08 -0.63
N LEU A 183 -7.78 10.23 -1.49
CA LEU A 183 -8.32 8.93 -1.08
C LEU A 183 -7.46 7.77 -1.60
N MET A 184 -7.43 6.65 -0.87
CA MET A 184 -6.70 5.45 -1.30
C MET A 184 -7.53 4.16 -1.14
N MET A 185 -7.69 3.42 -2.23
CA MET A 185 -8.53 2.22 -2.29
C MET A 185 -7.75 0.90 -2.14
N ASN A 186 -8.24 0.02 -1.27
CA ASN A 186 -7.81 -1.39 -1.25
C ASN A 186 -8.89 -2.25 -1.89
N ALA A 187 -8.54 -2.98 -2.95
CA ALA A 187 -9.49 -3.89 -3.60
C ALA A 187 -8.80 -5.15 -4.14
N PHE A 188 -9.32 -6.31 -3.73
CA PHE A 188 -8.77 -7.60 -4.14
C PHE A 188 -9.85 -8.52 -4.72
N PRO A 189 -10.05 -8.46 -6.05
CA PRO A 189 -11.03 -9.32 -6.73
C PRO A 189 -10.87 -10.82 -6.46
N TYR A 190 -9.68 -11.25 -6.04
CA TYR A 190 -9.44 -12.65 -5.67
C TYR A 190 -10.31 -13.09 -4.47
N TRP A 191 -10.36 -12.26 -3.42
CA TRP A 191 -11.17 -12.54 -2.22
C TRP A 191 -12.65 -12.39 -2.47
N GLU A 192 -13.02 -11.89 -3.64
CA GLU A 192 -14.42 -11.71 -4.01
C GLU A 192 -14.92 -12.88 -4.88
N GLY A 193 -14.01 -13.76 -5.30
CA GLY A 193 -14.36 -14.92 -6.11
C GLY A 193 -14.49 -14.65 -7.60
N VAL A 194 -13.83 -13.60 -8.07
CA VAL A 194 -13.90 -13.18 -9.47
C VAL A 194 -12.83 -13.91 -10.28
N THR A 195 -13.24 -14.44 -11.44
CA THR A 195 -12.34 -15.15 -12.36
C THR A 195 -11.26 -14.22 -12.96
N ILE A 196 -10.09 -14.80 -13.26
CA ILE A 196 -8.91 -14.02 -13.70
C ILE A 196 -9.18 -13.15 -14.94
N ASP A 197 -9.95 -13.68 -15.89
CA ASP A 197 -10.31 -12.94 -17.12
C ASP A 197 -11.10 -11.65 -16.86
N ASN A 198 -11.90 -11.64 -15.79
CA ASN A 198 -12.72 -10.47 -15.41
C ASN A 198 -12.11 -9.60 -14.30
N ALA A 199 -11.00 -10.05 -13.71
CA ALA A 199 -10.45 -9.46 -12.47
C ALA A 199 -10.07 -7.97 -12.57
N ALA A 200 -9.36 -7.59 -13.64
CA ALA A 200 -8.97 -6.19 -13.84
C ALA A 200 -10.15 -5.26 -14.10
N ASP A 201 -11.16 -5.76 -14.84
CA ASP A 201 -12.40 -5.03 -15.09
C ASP A 201 -13.13 -4.67 -13.81
N THR A 202 -13.21 -5.65 -12.90
CA THR A 202 -13.86 -5.47 -11.60
C THR A 202 -13.15 -4.41 -10.76
N LEU A 203 -11.82 -4.44 -10.78
CA LEU A 203 -10.99 -3.44 -10.07
C LEU A 203 -11.34 -2.00 -10.49
N MET A 204 -11.37 -1.77 -11.80
CA MET A 204 -11.70 -0.46 -12.36
C MET A 204 -13.12 -0.05 -11.98
N SER A 205 -14.02 -1.03 -11.98
CA SER A 205 -15.40 -0.81 -11.55
C SER A 205 -15.47 -0.36 -10.08
N HIS A 206 -14.68 -1.00 -9.22
CA HIS A 206 -14.60 -0.59 -7.81
C HIS A 206 -13.99 0.77 -7.64
N TYR A 207 -13.03 1.10 -8.52
CA TYR A 207 -12.41 2.43 -8.53
C TYR A 207 -13.43 3.54 -8.79
N ASP A 208 -14.36 3.29 -9.73
CA ASP A 208 -15.40 4.25 -10.08
C ASP A 208 -16.32 4.61 -8.90
N GLN A 209 -16.60 3.63 -8.04
CA GLN A 209 -17.40 3.85 -6.82
C GLN A 209 -16.72 4.80 -5.84
N VAL A 210 -15.41 4.62 -5.64
CA VAL A 210 -14.63 5.49 -4.76
C VAL A 210 -14.67 6.93 -5.27
N VAL A 211 -14.48 7.10 -6.58
CA VAL A 211 -14.63 8.41 -7.23
C VAL A 211 -16.00 9.02 -6.91
N GLY A 212 -17.03 8.17 -6.93
CA GLY A 212 -18.40 8.59 -6.58
C GLY A 212 -18.53 9.18 -5.18
N ALA A 213 -17.63 8.78 -4.28
CA ALA A 213 -17.64 9.26 -2.90
C ALA A 213 -16.51 10.24 -2.59
N SER A 214 -15.77 10.65 -3.63
CA SER A 214 -14.52 11.39 -3.44
C SER A 214 -14.70 12.88 -3.14
N LEU A 215 -15.90 13.41 -3.40
CA LEU A 215 -16.18 14.84 -3.31
C LEU A 215 -15.29 15.68 -4.24
N GLY A 216 -14.72 15.04 -5.26
CA GLY A 216 -13.88 15.72 -6.24
C GLY A 216 -12.39 15.64 -5.97
N LYS A 217 -12.02 15.07 -4.82
CA LYS A 217 -10.62 14.93 -4.43
C LYS A 217 -9.94 13.77 -5.17
N PRO A 218 -8.60 13.87 -5.38
CA PRO A 218 -7.85 12.80 -6.05
C PRO A 218 -8.02 11.41 -5.42
N VAL A 219 -8.08 10.38 -6.26
CA VAL A 219 -8.25 9.00 -5.82
C VAL A 219 -7.09 8.14 -6.32
N LYS A 220 -6.34 7.56 -5.40
CA LYS A 220 -5.23 6.65 -5.72
C LYS A 220 -5.56 5.23 -5.27
N ILE A 221 -4.76 4.26 -5.70
CA ILE A 221 -4.92 2.87 -5.23
C ILE A 221 -3.73 2.47 -4.36
N SER A 222 -4.00 2.09 -3.11
N SER A 222 -4.02 2.08 -3.12
CA SER A 222 -2.93 1.74 -2.17
CA SER A 222 -2.99 1.74 -2.14
C SER A 222 -2.58 0.25 -2.11
C SER A 222 -2.58 0.27 -2.16
N ALA A 223 -3.51 -0.62 -2.54
CA ALA A 223 -3.26 -2.07 -2.58
C ALA A 223 -4.19 -2.87 -3.49
N THR A 224 -3.58 -3.61 -4.42
CA THR A 224 -4.23 -4.70 -5.16
C THR A 224 -3.15 -5.70 -5.60
N GLY A 225 -3.54 -6.96 -5.81
CA GLY A 225 -2.61 -8.02 -6.20
C GLY A 225 -3.25 -9.38 -6.36
N TRP A 226 -2.43 -10.38 -6.66
CA TRP A 226 -2.91 -11.73 -6.96
C TRP A 226 -1.90 -12.79 -6.51
N PRO A 227 -2.38 -13.86 -5.84
CA PRO A 227 -1.45 -14.87 -5.31
C PRO A 227 -1.02 -15.94 -6.33
N SER A 228 0.23 -16.39 -6.22
CA SER A 228 0.81 -17.38 -7.15
C SER A 228 0.62 -18.85 -6.75
N ALA A 229 0.24 -19.08 -5.48
CA ALA A 229 -0.01 -20.43 -4.97
C ALA A 229 -0.93 -20.39 -3.74
N GLY A 230 -1.40 -21.56 -3.31
CA GLY A 230 -2.24 -21.65 -2.13
C GLY A 230 -3.63 -22.20 -2.38
N GLY A 231 -3.95 -22.49 -3.64
CA GLY A 231 -5.23 -23.14 -3.98
C GLY A 231 -6.15 -22.29 -4.83
N ASN A 232 -7.38 -22.11 -4.34
CA ASN A 232 -8.39 -21.28 -5.00
C ASN A 232 -9.37 -20.69 -3.99
N PHE A 233 -10.07 -19.63 -4.41
CA PHE A 233 -11.17 -19.07 -3.64
C PHE A 233 -12.38 -18.99 -4.56
N GLN A 234 -13.25 -19.99 -4.46
CA GLN A 234 -14.34 -20.20 -5.43
C GLN A 234 -13.75 -20.31 -6.85
N SER A 235 -14.18 -19.45 -7.77
CA SER A 235 -13.66 -19.49 -9.15
C SER A 235 -12.31 -18.78 -9.33
N SER A 236 -11.83 -18.13 -8.28
CA SER A 236 -10.52 -17.45 -8.32
C SER A 236 -9.38 -18.45 -8.13
N VAL A 237 -8.58 -18.65 -9.19
CA VAL A 237 -7.50 -19.64 -9.18
C VAL A 237 -6.13 -19.00 -8.95
N ALA A 238 -5.42 -19.48 -7.93
CA ALA A 238 -4.07 -19.02 -7.61
C ALA A 238 -3.01 -19.82 -8.39
N SER A 239 -2.24 -19.11 -9.22
CA SER A 239 -1.16 -19.71 -10.01
C SER A 239 -0.16 -18.63 -10.43
N VAL A 240 1.04 -19.06 -10.84
CA VAL A 240 2.08 -18.16 -11.35
C VAL A 240 1.61 -17.48 -12.65
N GLU A 241 0.95 -18.24 -13.51
CA GLU A 241 0.41 -17.75 -14.78
C GLU A 241 -0.68 -16.69 -14.56
N ASN A 242 -1.50 -16.87 -13.53
CA ASN A 242 -2.55 -15.91 -13.19
C ASN A 242 -2.04 -14.62 -12.53
N GLU A 243 -1.05 -14.73 -11.64
CA GLU A 243 -0.42 -13.52 -11.07
C GLU A 243 0.25 -12.68 -12.16
N ASN A 244 0.88 -13.35 -13.12
CA ASN A 244 1.55 -12.69 -14.25
C ASN A 244 0.56 -11.93 -15.14
N LYS A 245 -0.56 -12.58 -15.48
CA LYS A 245 -1.64 -11.95 -16.24
C LYS A 245 -2.25 -10.76 -15.51
N TYR A 246 -2.51 -10.93 -14.21
CA TYR A 246 -3.12 -9.88 -13.39
C TYR A 246 -2.22 -8.65 -13.30
N LEU A 247 -0.92 -8.89 -13.08
CA LEU A 247 0.09 -7.83 -13.05
C LEU A 247 0.05 -7.00 -14.34
N HIS A 248 0.12 -7.68 -15.49
CA HIS A 248 0.08 -7.02 -16.80
C HIS A 248 -1.19 -6.23 -17.03
N ASP A 249 -2.33 -6.84 -16.70
CA ASP A 249 -3.64 -6.21 -16.92
C ASP A 249 -3.88 -4.94 -16.11
N VAL A 250 -3.55 -4.98 -14.81
N VAL A 250 -3.55 -4.98 -14.82
CA VAL A 250 -3.78 -3.82 -13.93
CA VAL A 250 -3.76 -3.85 -13.91
C VAL A 250 -2.84 -2.64 -14.21
C VAL A 250 -2.86 -2.66 -14.27
N LEU A 251 -1.59 -2.95 -14.55
CA LEU A 251 -0.61 -1.91 -14.94
C LEU A 251 -1.04 -1.14 -16.19
N CYS A 252 -1.63 -1.87 -17.15
CA CYS A 252 -2.19 -1.25 -18.35
C CYS A 252 -3.38 -0.35 -18.04
N ARG A 253 -4.34 -0.88 -17.28
CA ARG A 253 -5.57 -0.16 -16.92
C ARG A 253 -5.31 1.18 -16.21
N VAL A 254 -4.35 1.19 -15.29
CA VAL A 254 -4.02 2.42 -14.56
C VAL A 254 -3.27 3.43 -15.43
N LYS A 255 -2.47 2.93 -16.38
CA LYS A 255 -1.72 3.79 -17.30
C LYS A 255 -2.67 4.50 -18.29
N GLN A 256 -3.71 3.79 -18.71
CA GLN A 256 -4.74 4.35 -19.60
C GLN A 256 -5.47 5.53 -18.99
N ARG A 257 -5.73 5.45 -17.68
CA ARG A 257 -6.56 6.45 -17.00
C ARG A 257 -5.75 7.36 -16.07
N ASN A 258 -4.43 7.25 -16.15
CA ASN A 258 -3.52 8.05 -15.32
C ASN A 258 -3.78 7.94 -13.80
N ILE A 259 -3.97 6.71 -13.33
CA ILE A 259 -4.19 6.42 -11.91
C ILE A 259 -2.88 6.01 -11.24
N ASP A 260 -2.58 6.60 -10.09
CA ASP A 260 -1.41 6.20 -9.30
C ASP A 260 -1.71 4.92 -8.51
N LEU A 261 -0.81 3.94 -8.63
CA LEU A 261 -1.00 2.61 -8.03
C LEU A 261 0.21 2.15 -7.23
N LEU A 262 -0.05 1.64 -6.02
CA LEU A 262 0.96 0.91 -5.24
C LEU A 262 0.64 -0.58 -5.27
N TYR A 263 1.45 -1.35 -6.00
CA TYR A 263 1.23 -2.79 -6.17
C TYR A 263 1.58 -3.60 -4.93
N PHE A 264 0.81 -4.67 -4.70
CA PHE A 264 0.97 -5.54 -3.54
C PHE A 264 1.37 -6.95 -4.00
N SER A 265 2.60 -7.39 -3.71
CA SER A 265 3.62 -6.65 -2.94
C SER A 265 5.03 -6.97 -3.48
N ALA A 266 6.07 -6.49 -2.79
CA ALA A 266 7.46 -6.67 -3.23
C ALA A 266 7.95 -8.12 -3.19
N PHE A 267 7.94 -8.71 -1.99
CA PHE A 267 8.47 -10.06 -1.77
C PHE A 267 7.44 -10.98 -1.08
N ASP A 268 7.53 -12.28 -1.39
CA ASP A 268 6.75 -13.30 -0.69
C ASP A 268 7.08 -13.31 0.81
N GLU A 269 6.08 -13.46 1.65
CA GLU A 269 6.27 -13.49 3.10
C GLU A 269 5.81 -14.83 3.67
N PRO A 270 6.75 -15.78 3.84
CA PRO A 270 6.43 -17.15 4.26
C PRO A 270 5.77 -17.21 5.64
N TYR A 271 6.16 -16.31 6.53
CA TYR A 271 5.65 -16.28 7.91
C TYR A 271 4.17 -15.92 8.02
N ARG A 272 3.50 -15.72 6.89
CA ARG A 272 2.08 -15.38 6.89
C ARG A 272 1.17 -16.58 6.58
N GLY A 273 1.74 -17.65 6.04
CA GLY A 273 1.02 -18.90 5.83
C GLY A 273 0.00 -18.91 4.72
N GLY A 274 -0.04 -20.03 3.99
CA GLY A 274 -0.99 -20.25 2.90
C GLY A 274 -0.96 -19.20 1.80
N VAL A 275 -2.16 -18.80 1.37
CA VAL A 275 -2.36 -17.80 0.31
C VAL A 275 -1.58 -16.50 0.52
N GLU A 276 -1.56 -16.00 1.76
CA GLU A 276 -0.93 -14.72 2.09
C GLU A 276 0.60 -14.74 1.95
N ALA A 277 1.15 -15.93 1.68
CA ALA A 277 2.59 -16.11 1.54
C ALA A 277 3.07 -16.05 0.07
N HIS A 278 2.17 -15.76 -0.85
CA HIS A 278 2.51 -15.80 -2.28
C HIS A 278 2.09 -14.59 -3.09
N PHE A 279 2.05 -13.43 -2.45
CA PHE A 279 1.64 -12.19 -3.12
C PHE A 279 2.78 -11.38 -3.75
N GLY A 280 4.03 -11.77 -3.49
CA GLY A 280 5.20 -11.02 -3.95
C GLY A 280 5.46 -11.05 -5.45
N VAL A 281 6.01 -9.95 -5.97
CA VAL A 281 6.51 -9.87 -7.35
C VAL A 281 7.83 -10.64 -7.49
N LEU A 282 8.63 -10.64 -6.42
CA LEU A 282 9.86 -11.42 -6.35
C LEU A 282 9.83 -12.39 -5.17
N GLY A 283 10.77 -13.34 -5.15
CA GLY A 283 10.79 -14.40 -4.13
C GLY A 283 11.19 -13.93 -2.75
N SER A 284 10.93 -14.78 -1.75
CA SER A 284 11.25 -14.46 -0.35
C SER A 284 12.76 -14.33 -0.08
N ASP A 285 13.56 -15.04 -0.85
CA ASP A 285 15.03 -14.93 -0.72
C ASP A 285 15.61 -13.84 -1.63
N ARG A 286 14.73 -13.02 -2.20
CA ARG A 286 15.10 -11.84 -3.00
C ARG A 286 15.48 -12.11 -4.47
N ASN A 287 15.46 -13.38 -4.88
CA ASN A 287 15.60 -13.72 -6.31
C ASN A 287 14.26 -13.58 -7.04
N THR A 288 14.32 -13.57 -8.38
CA THR A 288 13.11 -13.45 -9.20
C THR A 288 12.24 -14.71 -9.17
N LYS A 289 10.96 -14.54 -9.45
CA LYS A 289 10.01 -15.66 -9.51
C LYS A 289 9.84 -16.14 -10.95
N PRO A 290 10.27 -17.38 -11.25
CA PRO A 290 10.17 -17.92 -12.60
C PRO A 290 8.72 -17.95 -13.09
N GLY A 291 8.48 -17.37 -14.26
CA GLY A 291 7.13 -17.22 -14.80
C GLY A 291 6.57 -15.80 -14.69
N ILE A 292 7.19 -14.97 -13.85
CA ILE A 292 6.81 -13.56 -13.71
C ILE A 292 7.71 -12.69 -14.61
N THR A 293 7.09 -11.99 -15.56
CA THR A 293 7.80 -10.99 -16.35
C THR A 293 7.25 -9.61 -15.99
N ILE A 294 8.15 -8.71 -15.60
CA ILE A 294 7.77 -7.39 -15.09
C ILE A 294 7.64 -6.34 -16.21
N GLU A 295 6.40 -6.14 -16.66
CA GLU A 295 6.05 -5.22 -17.74
C GLU A 295 4.56 -4.90 -17.70
N ALA A 296 4.17 -3.79 -18.31
CA ALA A 296 2.75 -3.40 -18.40
C ALA A 296 2.11 -4.01 -19.65
N GLY A 297 0.82 -4.34 -19.54
CA GLY A 297 0.07 -4.98 -20.63
C GLY A 297 -0.19 -4.13 -21.87
N CYS A 298 -0.07 -2.81 -21.74
CA CYS A 298 -0.17 -1.89 -22.87
C CYS A 298 0.74 -0.68 -22.72
#